data_4G3Y
#
_entry.id   4G3Y
#
_cell.length_a   153.663
_cell.length_b   153.663
_cell.length_c   99.279
_cell.angle_alpha   90.00
_cell.angle_beta   90.00
_cell.angle_gamma   120.00
#
_symmetry.space_group_name_H-M   'H 3'
#
loop_
_entity.id
_entity.type
_entity.pdbx_description
1 polymer 'infliximab Fab L'
2 polymer 'infliximab Fab H'
3 polymer 'Tumor necrosis factor'
4 water water
#
loop_
_entity_poly.entity_id
_entity_poly.type
_entity_poly.pdbx_seq_one_letter_code
_entity_poly.pdbx_strand_id
1 'polypeptide(L)'
;DILLTQSPAILSVSPGERVSFSCRASQFVGSSIHWYQQRTNGSPRLLIKYASESMSGIPSRFSGSGSGTDFTLSINTVES
EDIADYYCQQSHSWPFTFGSGTNLEVKRTVAAPSVFIFPPSDEQLKSGTASVVCLLNNFYPREAKVQWKVDNALQSGNSQ
ESVTEQDSKDSTYSLSSTLTLSKADYEKHKVYACEVTHQGLSSPVTKSFNRGEC
;
L
2 'polypeptide(L)'
;EVKLEESGGGLVQPGGSMKLSCVASGFIFSNHWMNWVRQSPEKGLEWVAEIRSKSINSATHYAESVKGRFTISRDDSKSA
VYLQMTDLRTEDTGVYYCSRNYYGSTYDYWGQGTTLTVSSASTKGPSVFPLAPSSKSTSGGTAALGCLVKDYFPEPVTVS
WNSGALTSGVHTFPAVLQSSGLYSLSSVVTVPSSSLGTQTYICNVNHKPSNTKVDKKVEPKSCDKT
;
H
3 'polypeptide(L)'
;VRSSSRTPSDKPVAHVVANPQAEGQLQWLNRRANALLANGVELRDNQLVVPSEGLYLIYSQVLFKGQGCPSTHVLLTHTI
SRIAVSYQTKVNLLSAIKSPCQRETPEGAEAKPWYEPIYLGGVFQLEKGDRLSAEINRPDYLDFAESGQVYFGIIAL
;
C
#
# COMPACT_ATOMS: atom_id res chain seq x y z
N ASP A 1 16.65 7.47 -4.31
CA ASP A 1 15.32 6.84 -4.18
C ASP A 1 15.37 5.44 -3.52
N ILE A 2 15.60 5.39 -2.20
CA ILE A 2 16.09 4.16 -1.57
C ILE A 2 15.17 2.95 -1.60
N LEU A 3 15.74 1.80 -1.94
CA LEU A 3 14.96 0.56 -2.07
C LEU A 3 15.00 -0.30 -0.80
N LEU A 4 13.85 -0.80 -0.38
CA LEU A 4 13.71 -1.58 0.83
C LEU A 4 13.25 -2.99 0.53
N THR A 5 14.02 -3.97 0.94
CA THR A 5 13.66 -5.36 0.75
C THR A 5 13.15 -5.98 2.04
N GLN A 6 11.96 -6.57 1.96
CA GLN A 6 11.41 -7.37 3.06
C GLN A 6 11.30 -8.84 2.70
N SER A 7 12.33 -9.60 3.01
CA SER A 7 12.37 -11.02 2.76
C SER A 7 12.77 -11.68 4.08
N PRO A 8 12.07 -12.78 4.45
CA PRO A 8 10.98 -13.42 3.70
C PRO A 8 9.72 -12.58 3.64
N ALA A 9 8.89 -12.83 2.62
CA ALA A 9 7.62 -12.13 2.43
C ALA A 9 6.53 -12.70 3.32
N ILE A 10 6.67 -13.98 3.69
CA ILE A 10 5.70 -14.67 4.54
C ILE A 10 6.38 -15.27 5.78
N LEU A 11 5.74 -15.14 6.94
CA LEU A 11 6.21 -15.80 8.15
C LEU A 11 5.03 -16.50 8.80
N SER A 12 5.28 -17.62 9.46
CA SER A 12 4.21 -18.41 10.08
C SER A 12 4.66 -19.02 11.40
N VAL A 13 3.97 -18.67 12.48
CA VAL A 13 4.52 -18.83 13.81
C VAL A 13 3.44 -19.28 14.77
N SER A 14 3.79 -20.18 15.68
CA SER A 14 2.85 -20.62 16.71
C SER A 14 2.69 -19.53 17.73
N PRO A 15 1.48 -19.43 18.31
CA PRO A 15 1.22 -18.43 19.35
C PRO A 15 2.20 -18.58 20.51
N GLY A 16 2.56 -17.45 21.11
CA GLY A 16 3.51 -17.43 22.21
C GLY A 16 4.94 -17.22 21.76
N GLU A 17 5.26 -17.66 20.55
CA GLU A 17 6.61 -17.57 20.05
C GLU A 17 6.98 -16.17 19.61
N ARG A 18 8.25 -16.01 19.30
CA ARG A 18 8.74 -14.71 18.90
C ARG A 18 8.95 -14.75 17.40
N VAL A 19 8.51 -13.70 16.74
CA VAL A 19 8.72 -13.57 15.31
C VAL A 19 9.62 -12.38 15.01
N SER A 20 10.38 -12.48 13.93
CA SER A 20 11.22 -11.37 13.50
C SER A 20 11.05 -11.03 12.03
N PHE A 21 10.85 -9.74 11.76
CA PHE A 21 10.68 -9.28 10.38
C PHE A 21 11.95 -8.62 9.89
N SER A 22 12.34 -8.97 8.68
CA SER A 22 13.49 -8.34 8.08
C SER A 22 13.13 -7.18 7.15
N CYS A 23 13.89 -6.10 7.30
CA CYS A 23 13.89 -4.98 6.36
C CYS A 23 15.34 -4.56 6.03
N ARG A 24 15.70 -4.62 4.74
CA ARG A 24 17.05 -4.22 4.31
C ARG A 24 17.01 -3.08 3.31
N ALA A 25 17.78 -2.03 3.61
CA ALA A 25 17.91 -0.93 2.67
C ALA A 25 19.07 -1.15 1.68
N SER A 26 18.87 -0.74 0.44
CA SER A 26 19.89 -0.85 -0.57
C SER A 26 21.03 0.14 -0.33
N GLN A 27 20.81 1.11 0.54
CA GLN A 27 21.85 2.06 0.92
C GLN A 27 21.69 2.50 2.37
N PHE A 28 22.72 3.13 2.90
CA PHE A 28 22.70 3.70 4.23
C PHE A 28 21.45 4.54 4.46
N VAL A 29 20.75 4.31 5.57
CA VAL A 29 19.59 5.10 5.95
C VAL A 29 19.67 5.52 7.41
N GLY A 30 20.85 5.37 8.00
CA GLY A 30 21.04 5.69 9.40
C GLY A 30 20.06 4.89 10.23
N SER A 31 19.21 5.59 10.99
CA SER A 31 18.16 4.93 11.79
C SER A 31 16.77 5.38 11.37
N SER A 32 16.69 6.02 10.21
CA SER A 32 15.41 6.52 9.72
C SER A 32 14.55 5.44 9.07
N ILE A 33 14.28 4.36 9.83
CA ILE A 33 13.42 3.27 9.41
C ILE A 33 12.20 3.16 10.33
N HIS A 34 11.01 3.14 9.75
CA HIS A 34 9.80 3.05 10.56
C HIS A 34 8.94 1.83 10.18
N TRP A 35 8.21 1.27 11.15
CA TRP A 35 7.42 0.05 10.94
C TRP A 35 5.92 0.22 11.09
N TYR A 36 5.16 -0.47 10.25
CA TYR A 36 3.71 -0.33 10.22
C TYR A 36 3.00 -1.69 10.20
N GLN A 37 1.83 -1.72 10.82
CA GLN A 37 0.96 -2.88 10.73
C GLN A 37 -0.20 -2.52 9.82
N GLN A 38 -0.60 -3.44 8.96
CA GLN A 38 -1.84 -3.22 8.21
C GLN A 38 -2.74 -4.44 8.27
N ARG A 39 -3.73 -4.39 9.17
CA ARG A 39 -4.72 -5.46 9.27
C ARG A 39 -5.61 -5.49 8.04
N THR A 40 -6.32 -6.59 7.84
CA THR A 40 -7.33 -6.71 6.79
C THR A 40 -8.29 -5.50 6.75
N ASN A 41 -8.58 -5.02 5.55
CA ASN A 41 -9.52 -3.90 5.39
C ASN A 41 -9.17 -2.70 6.25
N GLY A 42 -7.89 -2.56 6.55
CA GLY A 42 -7.44 -1.48 7.41
C GLY A 42 -6.41 -0.64 6.72
N SER A 43 -6.13 0.52 7.29
CA SER A 43 -5.03 1.34 6.82
C SER A 43 -3.80 1.03 7.65
N PRO A 44 -2.62 1.40 7.14
CA PRO A 44 -1.38 1.23 7.92
C PRO A 44 -1.42 1.93 9.29
N ARG A 45 -0.81 1.27 10.26
CA ARG A 45 -0.74 1.77 11.62
C ARG A 45 0.74 1.76 12.05
N LEU A 46 1.24 2.93 12.44
CA LEU A 46 2.63 3.09 12.84
C LEU A 46 2.89 2.39 14.16
N LEU A 47 3.86 1.46 14.17
CA LEU A 47 4.24 0.72 15.38
C LEU A 47 5.49 1.29 16.05
N ILE A 48 6.59 1.31 15.29
CA ILE A 48 7.89 1.75 15.77
C ILE A 48 8.40 2.88 14.90
N LYS A 49 9.08 3.86 15.50
CA LYS A 49 9.72 4.90 14.70
C LYS A 49 11.22 4.90 14.95
N TYR A 50 11.97 5.38 13.96
CA TYR A 50 13.43 5.42 14.04
C TYR A 50 14.07 4.15 14.60
N ALA A 51 13.83 3.04 13.90
CA ALA A 51 14.41 1.71 14.22
C ALA A 51 13.87 1.01 15.47
N SER A 52 13.74 1.72 16.58
CA SER A 52 13.56 1.07 17.86
C SER A 52 12.63 1.76 18.85
N GLU A 53 12.18 2.95 18.52
CA GLU A 53 11.32 3.68 19.45
C GLU A 53 9.86 3.31 19.22
N SER A 54 9.23 2.74 20.23
CA SER A 54 7.85 2.30 20.02
C SER A 54 6.92 3.47 20.27
N MET A 55 5.84 3.53 19.51
CA MET A 55 4.83 4.54 19.72
C MET A 55 3.99 4.14 20.90
N SER A 56 3.33 5.12 21.53
CA SER A 56 2.50 4.87 22.69
C SER A 56 1.21 4.18 22.24
N GLY A 57 0.62 3.42 23.14
CA GLY A 57 -0.56 2.63 22.78
C GLY A 57 -0.18 1.33 22.10
N ILE A 58 1.08 1.24 21.67
CA ILE A 58 1.59 0.03 21.05
C ILE A 58 2.03 -0.94 22.13
N PRO A 59 1.59 -2.21 22.01
CA PRO A 59 1.92 -3.23 23.01
C PRO A 59 3.44 -3.38 23.19
N SER A 60 3.85 -3.56 24.44
CA SER A 60 5.26 -3.73 24.82
C SER A 60 5.95 -4.88 24.07
N ARG A 61 5.15 -5.86 23.66
CA ARG A 61 5.71 -7.05 23.03
C ARG A 61 6.27 -6.75 21.64
N PHE A 62 6.06 -5.53 21.17
CA PHE A 62 6.65 -5.05 19.92
C PHE A 62 7.94 -4.26 20.18
N SER A 63 9.00 -4.64 19.48
CA SER A 63 10.26 -3.92 19.58
C SER A 63 10.94 -3.90 18.21
N GLY A 64 11.84 -2.96 18.00
CA GLY A 64 12.64 -2.96 16.79
C GLY A 64 14.13 -2.69 17.03
N SER A 65 14.95 -3.07 16.07
CA SER A 65 16.34 -2.67 16.10
C SER A 65 16.97 -2.72 14.72
N GLY A 66 18.18 -2.18 14.64
CA GLY A 66 18.93 -2.20 13.41
C GLY A 66 19.49 -0.82 13.18
N SER A 67 20.49 -0.70 12.31
CA SER A 67 21.10 0.58 12.00
C SER A 67 22.02 0.43 10.81
N GLY A 68 22.07 1.47 9.97
CA GLY A 68 22.82 1.41 8.72
C GLY A 68 21.96 0.91 7.56
N THR A 69 21.82 -0.42 7.44
CA THR A 69 20.99 -0.98 6.36
C THR A 69 20.19 -2.22 6.76
N ASP A 70 20.50 -2.82 7.90
CA ASP A 70 19.76 -4.01 8.33
C ASP A 70 18.91 -3.78 9.56
N PHE A 71 17.61 -4.02 9.44
CA PHE A 71 16.69 -3.70 10.51
C PHE A 71 15.74 -4.85 10.77
N THR A 72 15.20 -4.88 11.98
CA THR A 72 14.33 -5.94 12.42
C THR A 72 13.18 -5.38 13.24
N LEU A 73 11.99 -5.89 12.95
CA LEU A 73 10.84 -5.74 13.86
C LEU A 73 10.65 -7.07 14.56
N SER A 74 10.39 -7.02 15.85
CA SER A 74 10.20 -8.22 16.65
C SER A 74 8.93 -8.14 17.45
N ILE A 75 8.15 -9.22 17.41
CA ILE A 75 7.00 -9.40 18.29
C ILE A 75 7.30 -10.67 19.07
N ASN A 76 7.36 -10.61 20.39
CA ASN A 76 7.40 -11.88 21.09
C ASN A 76 6.08 -12.16 21.77
N THR A 77 5.85 -13.43 22.12
CA THR A 77 4.54 -13.84 22.56
C THR A 77 3.56 -13.36 21.49
N VAL A 78 3.71 -13.88 20.26
CA VAL A 78 2.80 -13.52 19.19
C VAL A 78 1.40 -14.10 19.47
N GLU A 79 0.39 -13.34 19.06
CA GLU A 79 -0.99 -13.73 19.25
C GLU A 79 -1.79 -13.40 17.98
N SER A 80 -2.90 -14.10 17.75
CA SER A 80 -3.64 -13.98 16.50
C SER A 80 -4.00 -12.52 16.14
N GLU A 81 -4.16 -11.69 17.17
CA GLU A 81 -4.50 -10.30 16.95
C GLU A 81 -3.37 -9.57 16.20
N ASP A 82 -2.27 -10.28 15.96
CA ASP A 82 -1.09 -9.72 15.31
C ASP A 82 -1.08 -10.07 13.83
N ILE A 83 -2.09 -10.82 13.43
CA ILE A 83 -2.20 -11.22 12.04
C ILE A 83 -2.34 -9.94 11.21
N ALA A 84 -1.38 -9.71 10.30
CA ALA A 84 -1.36 -8.50 9.47
C ALA A 84 -0.22 -8.54 8.46
N ASP A 85 -0.18 -7.53 7.61
CA ASP A 85 1.00 -7.29 6.79
C ASP A 85 1.77 -6.23 7.54
N TYR A 86 3.09 -6.33 7.43
CA TYR A 86 3.98 -5.40 8.09
C TYR A 86 4.89 -4.78 7.03
N TYR A 87 4.96 -3.45 7.03
CA TYR A 87 5.77 -2.70 6.06
C TYR A 87 6.79 -1.90 6.80
N CYS A 88 7.96 -1.73 6.20
CA CYS A 88 8.92 -0.77 6.70
C CYS A 88 8.98 0.45 5.78
N GLN A 89 9.45 1.56 6.32
CA GLN A 89 9.56 2.80 5.56
C GLN A 89 10.84 3.53 5.96
N GLN A 90 11.54 4.07 4.98
CA GLN A 90 12.70 4.90 5.25
C GLN A 90 12.37 6.40 5.08
N SER A 91 12.96 7.24 5.93
CA SER A 91 12.79 8.69 5.74
C SER A 91 14.13 9.40 5.72
N HIS A 92 15.17 8.65 5.38
CA HIS A 92 16.52 9.19 5.25
C HIS A 92 16.66 9.98 3.96
N SER A 93 16.10 9.41 2.88
CA SER A 93 16.19 9.99 1.54
C SER A 93 14.84 10.40 0.98
N TRP A 94 14.83 11.51 0.22
CA TRP A 94 13.64 11.93 -0.50
C TRP A 94 13.65 11.41 -1.95
N PRO A 95 12.54 10.78 -2.38
CA PRO A 95 11.29 10.68 -1.64
C PRO A 95 11.23 9.46 -0.75
N PHE A 96 10.37 9.50 0.26
CA PHE A 96 10.21 8.40 1.18
C PHE A 96 9.66 7.18 0.47
N THR A 97 10.17 6.00 0.82
CA THR A 97 9.80 4.76 0.15
C THR A 97 9.39 3.67 1.15
N PHE A 98 8.70 2.63 0.67
CA PHE A 98 8.23 1.54 1.52
C PHE A 98 8.75 0.20 1.05
N GLY A 99 8.83 -0.76 1.98
CA GLY A 99 9.08 -2.14 1.61
C GLY A 99 7.80 -2.80 1.07
N SER A 100 7.98 -3.93 0.38
CA SER A 100 6.87 -4.70 -0.20
C SER A 100 5.96 -5.34 0.85
N GLY A 101 6.46 -5.51 2.07
CA GLY A 101 5.62 -6.00 3.15
C GLY A 101 5.83 -7.49 3.47
N THR A 102 5.72 -7.84 4.75
CA THR A 102 5.77 -9.24 5.16
C THR A 102 4.44 -9.62 5.79
N ASN A 103 3.93 -10.79 5.44
CA ASN A 103 2.66 -11.22 6.00
C ASN A 103 2.87 -12.11 7.21
N LEU A 104 2.08 -11.90 8.25
CA LEU A 104 2.20 -12.76 9.44
C LEU A 104 1.00 -13.69 9.58
N GLU A 105 1.29 -14.98 9.58
CA GLU A 105 0.33 -16.00 9.93
C GLU A 105 0.69 -16.54 11.31
N VAL A 106 -0.27 -16.48 12.22
CA VAL A 106 -0.15 -17.09 13.53
C VAL A 106 -0.83 -18.45 13.46
N LYS A 107 -0.07 -19.52 13.67
CA LYS A 107 -0.59 -20.87 13.54
C LYS A 107 -1.64 -21.21 14.58
N ARG A 108 -2.24 -22.38 14.43
CA ARG A 108 -3.43 -22.74 15.18
C ARG A 108 -3.53 -24.27 15.13
N THR A 109 -4.25 -24.90 16.06
CA THR A 109 -4.43 -26.35 15.94
C THR A 109 -5.21 -26.60 14.64
N VAL A 110 -4.96 -27.72 13.97
CA VAL A 110 -5.66 -28.08 12.74
C VAL A 110 -7.16 -27.99 12.90
N ALA A 111 -7.82 -27.53 11.84
CA ALA A 111 -9.25 -27.32 11.87
C ALA A 111 -9.79 -27.62 10.51
N ALA A 112 -10.62 -28.67 10.40
CA ALA A 112 -11.23 -29.04 9.13
C ALA A 112 -12.34 -28.07 8.75
N PRO A 113 -12.52 -27.83 7.45
CA PRO A 113 -13.53 -26.86 6.99
C PRO A 113 -14.95 -27.38 7.18
N SER A 114 -15.86 -26.59 7.72
CA SER A 114 -17.27 -26.97 7.68
C SER A 114 -17.76 -26.63 6.28
N VAL A 115 -18.18 -27.66 5.55
CA VAL A 115 -18.62 -27.50 4.16
C VAL A 115 -20.13 -27.28 4.01
N PHE A 116 -20.48 -26.29 3.21
CA PHE A 116 -21.87 -25.97 2.88
C PHE A 116 -22.03 -25.83 1.35
N ILE A 117 -23.17 -26.27 0.81
CA ILE A 117 -23.41 -26.04 -0.61
C ILE A 117 -24.72 -25.29 -0.86
N PHE A 118 -24.65 -24.32 -1.76
CA PHE A 118 -25.82 -23.53 -2.10
C PHE A 118 -26.17 -23.73 -3.55
N PRO A 119 -27.36 -24.30 -3.80
CA PRO A 119 -27.90 -24.42 -5.15
C PRO A 119 -28.27 -23.02 -5.61
N PRO A 120 -28.27 -22.77 -6.93
CA PRO A 120 -28.51 -21.44 -7.51
C PRO A 120 -29.92 -20.98 -7.21
N SER A 121 -30.09 -19.71 -6.85
CA SER A 121 -31.42 -19.15 -6.57
C SER A 121 -32.29 -19.18 -7.82
N ASP A 122 -33.61 -19.17 -7.63
CA ASP A 122 -34.54 -19.14 -8.76
C ASP A 122 -34.42 -17.82 -9.50
N GLU A 123 -34.33 -16.74 -8.74
CA GLU A 123 -34.23 -15.39 -9.31
C GLU A 123 -33.09 -15.27 -10.32
N GLN A 124 -32.05 -16.09 -10.12
CA GLN A 124 -30.90 -16.07 -11.01
C GLN A 124 -31.13 -16.99 -12.19
N LEU A 125 -32.03 -17.94 -12.00
CA LEU A 125 -32.37 -18.88 -13.06
C LEU A 125 -33.25 -18.20 -14.11
N LYS A 126 -34.07 -17.25 -13.66
CA LYS A 126 -34.81 -16.42 -14.59
C LYS A 126 -33.85 -15.96 -15.68
N SER A 127 -32.91 -15.11 -15.28
CA SER A 127 -31.92 -14.51 -16.16
C SER A 127 -31.07 -15.49 -16.97
N GLY A 128 -31.35 -16.79 -16.85
CA GLY A 128 -30.69 -17.77 -17.69
C GLY A 128 -29.28 -18.16 -17.28
N THR A 129 -28.94 -17.96 -16.00
CA THR A 129 -27.62 -18.33 -15.50
C THR A 129 -27.67 -19.00 -14.12
N ALA A 130 -26.80 -19.99 -13.92
CA ALA A 130 -26.76 -20.75 -12.67
C ALA A 130 -25.40 -20.66 -11.99
N SER A 131 -25.37 -20.07 -10.79
CA SER A 131 -24.17 -20.04 -9.97
C SER A 131 -24.30 -20.99 -8.77
N VAL A 132 -23.50 -22.06 -8.79
CA VAL A 132 -23.51 -22.99 -7.66
C VAL A 132 -22.31 -22.82 -6.73
N VAL A 133 -22.60 -22.57 -5.46
CA VAL A 133 -21.62 -22.07 -4.52
C VAL A 133 -21.31 -23.04 -3.39
N CYS A 134 -20.04 -23.40 -3.25
CA CYS A 134 -19.61 -24.22 -2.12
C CYS A 134 -18.75 -23.44 -1.12
N LEU A 135 -19.11 -23.51 0.16
CA LEU A 135 -18.44 -22.76 1.21
C LEU A 135 -17.60 -23.65 2.10
N LEU A 136 -16.29 -23.45 2.11
CA LEU A 136 -15.44 -24.12 3.09
C LEU A 136 -15.18 -23.12 4.20
N ASN A 137 -15.71 -23.38 5.39
CA ASN A 137 -15.65 -22.39 6.45
C ASN A 137 -14.71 -22.73 7.60
N ASN A 138 -13.95 -21.72 8.04
CA ASN A 138 -13.08 -21.77 9.24
C ASN A 138 -12.20 -22.99 9.41
N PHE A 139 -11.21 -23.10 8.54
CA PHE A 139 -10.32 -24.23 8.59
C PHE A 139 -8.92 -23.70 8.75
N TYR A 140 -8.02 -24.58 9.17
CA TYR A 140 -6.61 -24.25 9.29
C TYR A 140 -5.85 -25.53 9.13
N PRO A 141 -4.74 -25.52 8.35
CA PRO A 141 -4.14 -24.40 7.62
C PRO A 141 -4.78 -24.10 6.26
N ARG A 142 -4.22 -23.15 5.53
CA ARG A 142 -4.88 -22.60 4.34
C ARG A 142 -5.00 -23.56 3.17
N GLU A 143 -4.31 -24.71 3.22
CA GLU A 143 -4.33 -25.69 2.12
C GLU A 143 -5.59 -26.56 2.08
N ALA A 144 -6.34 -26.41 1.00
CA ALA A 144 -7.57 -27.16 0.80
C ALA A 144 -7.71 -27.44 -0.71
N LYS A 145 -8.44 -28.49 -1.07
CA LYS A 145 -8.80 -28.69 -2.48
C LYS A 145 -10.30 -28.88 -2.59
N VAL A 146 -10.93 -28.13 -3.49
CA VAL A 146 -12.34 -28.32 -3.75
C VAL A 146 -12.54 -29.00 -5.08
N GLN A 147 -13.59 -29.81 -5.16
CA GLN A 147 -13.87 -30.54 -6.38
C GLN A 147 -15.34 -30.40 -6.69
N TRP A 148 -15.64 -30.21 -7.97
CA TRP A 148 -17.03 -30.27 -8.41
C TRP A 148 -17.25 -31.54 -9.21
N LYS A 149 -18.32 -32.24 -8.86
CA LYS A 149 -18.86 -33.32 -9.66
C LYS A 149 -20.33 -33.05 -9.90
N VAL A 150 -20.71 -32.99 -11.17
CA VAL A 150 -22.10 -32.83 -11.55
C VAL A 150 -22.57 -34.16 -12.10
N ASP A 151 -23.64 -34.70 -11.52
CA ASP A 151 -24.00 -36.09 -11.76
C ASP A 151 -22.73 -36.93 -11.82
N ASN A 152 -21.92 -36.80 -10.76
CA ASN A 152 -20.74 -37.64 -10.58
C ASN A 152 -19.68 -37.40 -11.65
N ALA A 153 -19.96 -36.45 -12.54
CA ALA A 153 -18.97 -36.06 -13.54
C ALA A 153 -18.08 -34.96 -12.98
N LEU A 154 -16.79 -35.27 -12.89
CA LEU A 154 -15.81 -34.34 -12.37
C LEU A 154 -15.63 -33.14 -13.32
N GLN A 155 -15.81 -31.95 -12.78
CA GLN A 155 -15.77 -30.72 -13.56
C GLN A 155 -14.36 -30.22 -13.85
N SER A 156 -14.30 -29.21 -14.71
CA SER A 156 -13.04 -28.63 -15.10
C SER A 156 -13.25 -27.33 -15.85
N GLY A 157 -12.65 -26.25 -15.35
CA GLY A 157 -12.62 -24.97 -16.03
C GLY A 157 -13.76 -24.02 -15.69
N ASN A 158 -14.81 -24.53 -15.05
CA ASN A 158 -16.03 -23.76 -14.85
C ASN A 158 -16.31 -23.36 -13.39
N SER A 159 -15.25 -23.28 -12.59
CA SER A 159 -15.34 -22.80 -11.21
C SER A 159 -14.22 -21.82 -10.85
N GLN A 160 -14.50 -20.95 -9.90
CA GLN A 160 -13.49 -20.05 -9.37
C GLN A 160 -13.52 -20.08 -7.84
N GLU A 161 -12.35 -19.93 -7.23
CA GLU A 161 -12.22 -19.94 -5.78
C GLU A 161 -11.81 -18.57 -5.23
N SER A 162 -12.25 -18.26 -4.02
CA SER A 162 -11.83 -17.04 -3.33
C SER A 162 -11.55 -17.39 -1.85
N VAL A 163 -10.35 -17.07 -1.37
CA VAL A 163 -10.01 -17.36 0.02
C VAL A 163 -9.90 -16.07 0.83
N THR A 164 -10.39 -16.12 2.07
CA THR A 164 -10.27 -14.98 2.97
C THR A 164 -8.85 -14.83 3.53
N GLU A 165 -8.56 -13.65 4.07
CA GLU A 165 -7.33 -13.45 4.82
C GLU A 165 -7.50 -14.06 6.22
N GLN A 166 -6.43 -14.57 6.81
CA GLN A 166 -6.57 -15.25 8.09
C GLN A 166 -7.35 -14.41 9.11
N ASP A 167 -8.31 -15.04 9.77
CA ASP A 167 -9.12 -14.37 10.78
C ASP A 167 -8.33 -14.11 12.07
N SER A 168 -8.50 -12.93 12.63
CA SER A 168 -7.63 -12.52 13.70
C SER A 168 -8.13 -12.90 15.09
N LYS A 169 -9.39 -13.34 15.22
CA LYS A 169 -9.87 -13.94 16.49
C LYS A 169 -9.60 -15.45 16.53
N ASP A 170 -10.00 -16.16 15.49
CA ASP A 170 -9.94 -17.62 15.55
C ASP A 170 -8.94 -18.26 14.61
N SER A 171 -8.11 -17.45 13.96
CA SER A 171 -6.97 -17.94 13.18
C SER A 171 -7.30 -18.89 12.02
N THR A 172 -8.53 -18.88 11.55
CA THR A 172 -8.91 -19.75 10.45
C THR A 172 -8.99 -18.99 9.12
N TYR A 173 -9.14 -19.75 8.05
CA TYR A 173 -9.50 -19.20 6.75
C TYR A 173 -10.86 -19.74 6.37
N SER A 174 -11.42 -19.13 5.34
CA SER A 174 -12.59 -19.66 4.67
C SER A 174 -12.38 -19.51 3.17
N LEU A 175 -12.97 -20.40 2.39
CA LEU A 175 -12.84 -20.35 0.95
C LEU A 175 -14.20 -20.57 0.29
N SER A 176 -14.48 -19.81 -0.77
CA SER A 176 -15.68 -20.06 -1.55
C SER A 176 -15.28 -20.56 -2.92
N SER A 177 -15.96 -21.62 -3.38
CA SER A 177 -15.77 -22.10 -4.74
C SER A 177 -17.08 -21.98 -5.49
N THR A 178 -17.05 -21.27 -6.61
CA THR A 178 -18.26 -21.05 -7.38
C THR A 178 -18.23 -21.71 -8.75
N LEU A 179 -19.13 -22.68 -8.93
CA LEU A 179 -19.37 -23.32 -10.22
C LEU A 179 -20.43 -22.55 -10.96
N THR A 180 -20.05 -22.03 -12.13
CA THR A 180 -20.99 -21.23 -12.93
C THR A 180 -21.38 -21.94 -14.22
N LEU A 181 -22.70 -22.01 -14.45
CA LEU A 181 -23.28 -22.73 -15.59
C LEU A 181 -24.40 -21.95 -16.28
N SER A 182 -24.59 -22.22 -17.57
CA SER A 182 -25.73 -21.72 -18.32
C SER A 182 -27.01 -22.37 -17.79
N LYS A 183 -28.09 -21.59 -17.66
CA LYS A 183 -29.34 -22.15 -17.16
C LYS A 183 -29.67 -23.44 -17.89
N ALA A 184 -29.14 -23.58 -19.10
CA ALA A 184 -29.39 -24.75 -19.94
C ALA A 184 -28.69 -26.01 -19.44
N ASP A 185 -27.36 -25.99 -19.48
CA ASP A 185 -26.58 -27.14 -19.04
C ASP A 185 -26.93 -27.51 -17.62
N TYR A 186 -27.29 -26.50 -16.83
CA TYR A 186 -27.64 -26.74 -15.45
C TYR A 186 -28.87 -27.63 -15.37
N GLU A 187 -29.92 -27.21 -16.06
CA GLU A 187 -31.19 -27.95 -16.03
C GLU A 187 -31.10 -29.35 -16.66
N LYS A 188 -29.91 -29.73 -17.12
CA LYS A 188 -29.73 -31.03 -17.75
C LYS A 188 -28.92 -32.02 -16.92
N HIS A 189 -28.79 -31.72 -15.63
CA HIS A 189 -28.16 -32.65 -14.70
C HIS A 189 -28.87 -32.57 -13.37
N LYS A 190 -28.79 -33.63 -12.57
CA LYS A 190 -29.58 -33.66 -11.36
C LYS A 190 -28.78 -33.36 -10.09
N VAL A 191 -27.64 -34.03 -9.94
CA VAL A 191 -26.95 -34.00 -8.66
C VAL A 191 -25.60 -33.30 -8.73
N TYR A 192 -25.50 -32.20 -7.99
CA TYR A 192 -24.27 -31.43 -7.95
C TYR A 192 -23.53 -31.64 -6.64
N ALA A 193 -22.28 -32.07 -6.76
CA ALA A 193 -21.46 -32.34 -5.58
C ALA A 193 -20.19 -31.47 -5.46
N CYS A 194 -19.96 -30.94 -4.27
CA CYS A 194 -18.72 -30.26 -3.91
C CYS A 194 -17.88 -31.21 -3.05
N GLU A 195 -16.69 -31.59 -3.49
CA GLU A 195 -15.87 -32.57 -2.76
C GLU A 195 -14.58 -32.01 -2.14
N VAL A 196 -14.64 -31.57 -0.89
CA VAL A 196 -13.46 -30.94 -0.29
C VAL A 196 -12.55 -31.88 0.49
N THR A 197 -11.25 -31.78 0.20
CA THR A 197 -10.22 -32.48 0.94
C THR A 197 -9.38 -31.48 1.74
N HIS A 198 -8.84 -31.91 2.87
CA HIS A 198 -8.10 -31.02 3.75
C HIS A 198 -7.42 -31.84 4.84
N GLN A 199 -6.31 -31.33 5.33
CA GLN A 199 -5.50 -32.05 6.30
C GLN A 199 -6.28 -32.52 7.51
N GLY A 200 -7.28 -31.75 7.92
CA GLY A 200 -8.09 -32.13 9.08
C GLY A 200 -9.17 -33.17 8.80
N LEU A 201 -9.23 -33.68 7.57
CA LEU A 201 -10.23 -34.67 7.20
C LEU A 201 -9.55 -35.98 6.82
N SER A 202 -9.96 -37.08 7.46
CA SER A 202 -9.30 -38.37 7.23
C SER A 202 -9.65 -38.88 5.84
N SER A 203 -10.84 -38.52 5.37
CA SER A 203 -11.27 -38.76 3.99
C SER A 203 -12.19 -37.60 3.52
N PRO A 204 -12.22 -37.30 2.21
CA PRO A 204 -12.87 -36.08 1.70
C PRO A 204 -14.34 -35.99 2.02
N VAL A 205 -14.73 -34.85 2.58
CA VAL A 205 -16.13 -34.56 2.79
C VAL A 205 -16.67 -34.18 1.43
N THR A 206 -17.92 -34.53 1.17
CA THR A 206 -18.60 -34.01 0.01
C THR A 206 -20.03 -33.68 0.38
N LYS A 207 -20.44 -32.45 0.06
CA LYS A 207 -21.81 -32.02 0.19
C LYS A 207 -22.39 -32.07 -1.22
N SER A 208 -23.64 -32.50 -1.34
CA SER A 208 -24.32 -32.45 -2.64
C SER A 208 -25.82 -32.21 -2.51
N PHE A 209 -26.45 -31.94 -3.66
CA PHE A 209 -27.89 -31.71 -3.70
C PHE A 209 -28.45 -32.18 -5.04
N ASN A 210 -29.78 -32.29 -5.10
CA ASN A 210 -30.47 -32.64 -6.35
C ASN A 210 -31.24 -31.47 -6.91
N ARG A 211 -30.97 -31.14 -8.17
CA ARG A 211 -31.63 -30.02 -8.82
C ARG A 211 -33.14 -30.11 -8.60
N GLY A 212 -33.70 -29.05 -8.04
CA GLY A 212 -35.12 -29.00 -7.70
C GLY A 212 -35.49 -30.01 -6.61
N GLU A 213 -35.34 -29.60 -5.36
CA GLU A 213 -35.67 -30.46 -4.22
C GLU A 213 -35.74 -29.62 -2.94
N CYS A 214 -36.37 -30.19 -1.91
CA CYS A 214 -36.52 -29.48 -0.63
C CYS A 214 -37.41 -28.25 -0.79
N GLU B 1 -6.63 10.24 17.46
CA GLU B 1 -7.96 10.63 17.04
C GLU B 1 -8.21 12.13 17.26
N VAL B 2 -7.81 12.98 16.32
CA VAL B 2 -7.19 12.65 15.01
C VAL B 2 -7.99 11.74 14.07
N LYS B 3 -8.70 12.38 13.16
CA LYS B 3 -9.40 11.70 12.10
C LYS B 3 -9.00 12.25 10.74
N LEU B 4 -8.87 11.36 9.78
CA LEU B 4 -8.70 11.74 8.38
C LEU B 4 -9.81 11.08 7.58
N GLU B 5 -10.52 11.85 6.78
CA GLU B 5 -11.57 11.29 5.92
C GLU B 5 -11.40 11.71 4.49
N GLU B 6 -11.06 10.76 3.63
CA GLU B 6 -10.92 11.08 2.21
C GLU B 6 -12.16 10.65 1.44
N SER B 7 -12.35 11.26 0.27
CA SER B 7 -13.49 10.92 -0.58
C SER B 7 -13.26 11.41 -1.99
N GLY B 8 -14.14 11.00 -2.90
CA GLY B 8 -14.11 11.53 -4.24
C GLY B 8 -13.55 10.58 -5.27
N GLY B 9 -13.31 9.35 -4.88
CA GLY B 9 -12.86 8.35 -5.82
C GLY B 9 -13.99 7.77 -6.64
N GLY B 10 -13.63 6.94 -7.61
CA GLY B 10 -14.58 6.26 -8.48
C GLY B 10 -13.89 5.96 -9.80
N LEU B 11 -14.70 5.64 -10.82
CA LEU B 11 -14.21 5.31 -12.15
C LEU B 11 -13.99 6.55 -13.04
N VAL B 12 -12.92 6.53 -13.84
CA VAL B 12 -12.63 7.59 -14.82
C VAL B 12 -12.02 6.91 -16.02
N GLN B 13 -12.24 7.46 -17.20
CA GLN B 13 -11.51 6.96 -18.36
C GLN B 13 -10.08 7.48 -18.28
N PRO B 14 -9.17 6.75 -18.93
CA PRO B 14 -7.83 7.24 -19.23
C PRO B 14 -7.92 8.66 -19.74
N GLY B 15 -7.02 9.53 -19.27
CA GLY B 15 -6.95 10.91 -19.73
C GLY B 15 -7.84 11.82 -18.91
N GLY B 16 -8.77 11.21 -18.16
CA GLY B 16 -9.74 11.96 -17.38
C GLY B 16 -9.17 12.73 -16.20
N SER B 17 -10.05 13.38 -15.47
CA SER B 17 -9.67 14.07 -14.27
C SER B 17 -10.54 13.62 -13.09
N MET B 18 -9.99 13.73 -11.89
CA MET B 18 -10.78 13.46 -10.70
C MET B 18 -10.12 14.17 -9.55
N LYS B 19 -10.95 14.71 -8.67
CA LYS B 19 -10.49 15.46 -7.49
C LYS B 19 -10.72 14.65 -6.23
N LEU B 20 -9.72 14.58 -5.36
CA LEU B 20 -9.89 13.87 -4.09
C LEU B 20 -9.88 14.84 -2.93
N SER B 21 -10.63 14.50 -1.90
CA SER B 21 -10.73 15.38 -0.75
C SER B 21 -10.44 14.67 0.54
N CYS B 22 -9.88 15.42 1.48
CA CYS B 22 -9.64 14.87 2.81
C CYS B 22 -9.87 15.94 3.85
N VAL B 23 -10.70 15.61 4.81
CA VAL B 23 -10.96 16.47 5.95
C VAL B 23 -10.30 15.92 7.23
N ALA B 24 -9.61 16.81 7.94
CA ALA B 24 -8.86 16.44 9.14
C ALA B 24 -9.43 17.05 10.42
N SER B 25 -9.40 16.29 11.52
CA SER B 25 -9.60 16.85 12.85
C SER B 25 -8.66 16.22 13.89
N GLY B 26 -8.53 16.85 15.06
CA GLY B 26 -7.75 16.26 16.14
C GLY B 26 -6.27 16.62 16.20
N PHE B 27 -5.83 17.57 15.37
CA PHE B 27 -4.52 18.21 15.49
C PHE B 27 -4.58 19.59 14.87
N ILE B 28 -3.57 20.41 15.11
CA ILE B 28 -3.54 21.75 14.53
C ILE B 28 -3.19 21.63 13.05
N PHE B 29 -4.22 21.61 12.22
CA PHE B 29 -4.06 21.29 10.80
C PHE B 29 -3.06 22.21 10.08
N SER B 30 -3.11 23.50 10.37
CA SER B 30 -2.27 24.44 9.62
C SER B 30 -0.79 24.18 9.87
N ASN B 31 -0.48 23.45 10.93
CA ASN B 31 0.90 23.17 11.29
C ASN B 31 1.51 22.05 10.45
N HIS B 32 0.67 21.15 9.98
CA HIS B 32 1.17 19.87 9.54
C HIS B 32 1.21 19.64 8.06
N TRP B 33 2.07 18.70 7.67
CA TRP B 33 2.27 18.35 6.29
C TRP B 33 1.30 17.26 5.88
N MET B 34 0.42 17.55 4.94
CA MET B 34 -0.53 16.54 4.47
C MET B 34 -0.07 15.88 3.18
N ASN B 35 -0.31 14.56 3.12
CA ASN B 35 0.18 13.71 2.04
C ASN B 35 -0.94 12.86 1.42
N TRP B 36 -0.73 12.49 0.17
CA TRP B 36 -1.51 11.40 -0.41
C TRP B 36 -0.55 10.24 -0.60
N VAL B 37 -1.00 9.05 -0.18
CA VAL B 37 -0.27 7.81 -0.41
C VAL B 37 -1.23 6.78 -0.99
N ARG B 38 -0.85 6.15 -2.10
CA ARG B 38 -1.73 5.19 -2.76
C ARG B 38 -1.18 3.80 -2.59
N GLN B 39 -2.06 2.82 -2.74
CA GLN B 39 -1.67 1.44 -2.58
C GLN B 39 -2.33 0.55 -3.63
N SER B 40 -1.53 -0.30 -4.26
CA SER B 40 -2.07 -1.25 -5.20
C SER B 40 -1.38 -2.58 -4.93
N PRO B 41 -2.02 -3.69 -5.32
CA PRO B 41 -1.38 -5.00 -5.14
C PRO B 41 -0.06 -5.11 -5.92
N GLU B 42 -0.05 -4.67 -7.17
CA GLU B 42 1.17 -4.68 -7.97
C GLU B 42 2.29 -3.87 -7.31
N LYS B 43 1.99 -2.63 -6.96
CA LYS B 43 3.04 -1.69 -6.61
C LYS B 43 3.21 -1.47 -5.11
N GLY B 44 2.31 -2.00 -4.31
CA GLY B 44 2.36 -1.74 -2.88
C GLY B 44 2.16 -0.28 -2.55
N LEU B 45 2.70 0.15 -1.41
CA LEU B 45 2.55 1.52 -0.96
C LEU B 45 3.47 2.50 -1.69
N GLU B 46 2.90 3.62 -2.11
CA GLU B 46 3.63 4.54 -2.96
C GLU B 46 3.25 5.97 -2.55
N TRP B 47 4.24 6.74 -2.11
CA TRP B 47 3.98 8.13 -1.79
C TRP B 47 3.70 8.90 -3.07
N VAL B 48 2.67 9.73 -3.02
CA VAL B 48 2.20 10.46 -4.20
C VAL B 48 2.56 11.95 -4.17
N ALA B 49 2.14 12.66 -3.12
CA ALA B 49 2.39 14.09 -3.04
C ALA B 49 2.35 14.63 -1.62
N GLU B 50 3.10 15.70 -1.37
CA GLU B 50 3.00 16.40 -0.11
C GLU B 50 2.76 17.90 -0.26
N ILE B 51 2.01 18.44 0.68
CA ILE B 51 1.80 19.87 0.77
C ILE B 51 2.20 20.24 2.20
N ARG B 52 3.24 21.05 2.35
CA ARG B 52 3.70 21.44 3.69
C ARG B 52 2.94 22.65 4.25
N SER B 53 3.43 23.22 5.35
CA SER B 53 2.67 24.26 6.05
C SER B 53 2.78 25.61 5.37
N LYS B 54 1.88 26.52 5.74
CA LYS B 54 1.95 27.94 5.36
C LYS B 54 3.36 28.51 5.53
N SER B 55 3.94 28.26 6.71
CA SER B 55 5.24 28.79 7.08
C SER B 55 6.33 28.52 6.04
N ILE B 56 6.10 27.53 5.17
CA ILE B 56 7.08 27.09 4.19
C ILE B 56 6.79 27.65 2.79
N ASN B 57 5.87 28.61 2.72
CA ASN B 57 5.02 28.73 1.53
C ASN B 57 4.36 27.34 1.47
N SER B 58 3.46 27.10 0.54
CA SER B 58 2.86 25.76 0.50
C SER B 58 3.95 24.67 0.53
N ALA B 59 5.00 24.82 -0.27
CA ALA B 59 5.94 23.71 -0.50
C ALA B 59 5.18 22.44 -0.87
N THR B 60 4.96 22.28 -2.18
CA THR B 60 4.38 21.07 -2.74
C THR B 60 5.47 20.14 -3.27
N HIS B 61 5.22 18.84 -3.17
CA HIS B 61 6.16 17.85 -3.66
C HIS B 61 5.41 16.70 -4.33
N TYR B 62 5.90 16.28 -5.49
CA TYR B 62 5.25 15.20 -6.21
C TYR B 62 6.21 14.08 -6.50
N ALA B 63 5.70 12.86 -6.45
CA ALA B 63 6.39 11.69 -6.99
C ALA B 63 6.67 11.89 -8.48
N GLU B 64 7.84 11.46 -8.92
CA GLU B 64 8.22 11.52 -10.33
C GLU B 64 7.09 11.04 -11.24
N SER B 65 6.34 10.06 -10.78
CA SER B 65 5.34 9.38 -11.59
C SER B 65 4.07 10.19 -11.82
N VAL B 66 3.89 11.27 -11.08
CA VAL B 66 2.67 12.09 -11.21
C VAL B 66 3.00 13.57 -11.43
N LYS B 67 4.28 13.88 -11.53
CA LYS B 67 4.74 15.25 -11.77
C LYS B 67 4.09 15.82 -13.01
N GLY B 68 3.45 16.98 -12.84
CA GLY B 68 2.81 17.64 -13.95
C GLY B 68 1.41 17.14 -14.27
N ARG B 69 0.99 16.05 -13.61
CA ARG B 69 -0.36 15.55 -13.84
C ARG B 69 -1.23 15.80 -12.62
N PHE B 70 -0.62 15.74 -11.44
CA PHE B 70 -1.36 15.87 -10.20
C PHE B 70 -1.04 17.18 -9.54
N THR B 71 -2.01 17.70 -8.80
CA THR B 71 -1.81 18.93 -8.05
C THR B 71 -2.39 18.79 -6.65
N ILE B 72 -1.52 18.97 -5.65
CA ILE B 72 -1.94 18.92 -4.25
C ILE B 72 -2.17 20.34 -3.72
N SER B 73 -3.20 20.52 -2.90
CA SER B 73 -3.47 21.83 -2.31
C SER B 73 -4.18 21.65 -0.99
N ARG B 74 -4.24 22.72 -0.20
CA ARG B 74 -4.91 22.66 1.08
C ARG B 74 -5.75 23.89 1.34
N ASP B 75 -6.83 23.72 2.11
CA ASP B 75 -7.60 24.84 2.60
C ASP B 75 -7.56 24.79 4.12
N ASP B 76 -6.60 25.49 4.72
CA ASP B 76 -6.36 25.38 6.16
C ASP B 76 -7.60 25.76 6.93
N SER B 77 -8.39 26.63 6.33
CA SER B 77 -9.67 27.04 6.89
C SER B 77 -10.64 25.87 7.10
N LYS B 78 -10.72 24.98 6.11
CA LYS B 78 -11.61 23.81 6.18
C LYS B 78 -10.93 22.56 6.78
N SER B 79 -9.65 22.69 7.13
CA SER B 79 -8.86 21.52 7.52
C SER B 79 -8.90 20.48 6.40
N ALA B 80 -8.70 20.93 5.17
CA ALA B 80 -8.80 20.07 4.00
C ALA B 80 -7.53 20.01 3.14
N VAL B 81 -7.28 18.83 2.60
CA VAL B 81 -6.25 18.65 1.58
C VAL B 81 -6.93 18.08 0.36
N TYR B 82 -6.42 18.45 -0.81
CA TYR B 82 -6.96 17.97 -2.08
C TYR B 82 -5.92 17.38 -2.99
N LEU B 83 -6.34 16.39 -3.76
CA LEU B 83 -5.53 15.90 -4.85
C LEU B 83 -6.34 16.02 -6.15
N GLN B 84 -5.92 16.93 -7.00
CA GLN B 84 -6.55 17.07 -8.30
C GLN B 84 -5.76 16.28 -9.32
N MET B 85 -6.33 15.20 -9.79
CA MET B 85 -5.65 14.39 -10.77
C MET B 85 -6.18 14.69 -12.15
N THR B 86 -5.24 14.79 -13.09
CA THR B 86 -5.57 14.98 -14.49
C THR B 86 -4.79 13.99 -15.33
N ASP B 87 -5.18 13.88 -16.60
CA ASP B 87 -4.54 12.97 -17.54
C ASP B 87 -4.25 11.61 -16.91
N LEU B 88 -5.31 10.99 -16.38
CA LEU B 88 -5.17 9.79 -15.59
C LEU B 88 -4.73 8.58 -16.39
N ARG B 89 -3.97 7.70 -15.74
CA ARG B 89 -3.41 6.52 -16.40
C ARG B 89 -3.99 5.29 -15.74
N THR B 90 -3.99 4.18 -16.48
CA THR B 90 -4.37 2.89 -15.91
C THR B 90 -3.61 2.64 -14.60
N GLU B 91 -2.27 2.80 -14.64
CA GLU B 91 -1.42 2.56 -13.47
C GLU B 91 -1.81 3.40 -12.27
N ASP B 92 -2.48 4.54 -12.50
CA ASP B 92 -2.84 5.41 -11.37
C ASP B 92 -3.91 4.76 -10.52
N THR B 93 -4.44 3.64 -11.00
CA THR B 93 -5.47 2.89 -10.31
C THR B 93 -4.98 2.38 -8.97
N GLY B 94 -5.78 2.56 -7.92
CA GLY B 94 -5.43 2.09 -6.60
C GLY B 94 -6.24 2.77 -5.51
N VAL B 95 -6.05 2.31 -4.27
CA VAL B 95 -6.59 2.95 -3.08
C VAL B 95 -5.69 4.14 -2.70
N TYR B 96 -6.29 5.33 -2.58
CA TYR B 96 -5.59 6.55 -2.21
C TYR B 96 -5.88 6.95 -0.78
N TYR B 97 -4.82 7.08 0.01
CA TYR B 97 -4.89 7.42 1.41
C TYR B 97 -4.49 8.85 1.68
N CYS B 98 -5.34 9.58 2.37
CA CYS B 98 -4.92 10.82 2.97
C CYS B 98 -4.04 10.45 4.18
N SER B 99 -3.01 11.24 4.45
CA SER B 99 -2.11 10.89 5.54
C SER B 99 -1.26 12.09 5.98
N ARG B 100 -0.99 12.17 7.28
CA ARG B 100 -0.06 13.18 7.78
C ARG B 100 1.33 12.63 7.91
N ASN B 101 2.30 13.35 7.39
CA ASN B 101 3.68 12.98 7.66
C ASN B 101 4.15 13.92 8.74
N TYR B 102 4.79 13.39 9.77
CA TYR B 102 5.23 14.22 10.88
C TYR B 102 6.55 14.94 10.60
N TYR B 103 6.47 16.11 9.98
CA TYR B 103 7.64 16.97 9.72
C TYR B 103 8.80 16.27 9.05
N GLY B 104 8.52 15.47 8.04
CA GLY B 104 9.57 14.78 7.29
C GLY B 104 10.10 13.55 8.01
N SER B 105 9.20 12.61 8.35
CA SER B 105 9.62 11.36 8.97
C SER B 105 8.61 10.24 8.75
N THR B 106 7.72 10.13 9.72
CA THR B 106 6.79 9.03 9.84
C THR B 106 5.42 9.45 9.27
N TYR B 107 4.66 8.50 8.72
CA TYR B 107 3.26 8.77 8.36
C TYR B 107 2.42 8.47 9.60
N ASP B 108 2.22 9.53 10.37
CA ASP B 108 1.52 9.61 11.65
C ASP B 108 0.15 8.97 11.66
N TYR B 109 -0.64 9.37 10.67
CA TYR B 109 -2.05 9.04 10.60
C TYR B 109 -2.46 8.83 9.16
N TRP B 110 -3.42 7.94 8.97
CA TRP B 110 -3.91 7.58 7.67
C TRP B 110 -5.42 7.66 7.71
N GLY B 111 -6.01 8.11 6.61
CA GLY B 111 -7.43 7.94 6.40
C GLY B 111 -7.76 6.47 6.16
N GLN B 112 -8.90 6.21 5.56
CA GLN B 112 -9.29 4.84 5.31
C GLN B 112 -9.26 4.54 3.83
N GLY B 113 -8.77 5.50 3.06
CA GLY B 113 -8.57 5.28 1.64
C GLY B 113 -9.80 5.49 0.79
N THR B 114 -9.57 5.88 -0.47
CA THR B 114 -10.64 5.99 -1.44
C THR B 114 -10.10 5.40 -2.75
N THR B 115 -10.96 4.73 -3.50
CA THR B 115 -10.49 3.93 -4.62
C THR B 115 -10.60 4.65 -5.95
N LEU B 116 -9.50 4.67 -6.70
CA LEU B 116 -9.52 5.17 -8.07
C LEU B 116 -9.40 4.03 -9.07
N THR B 117 -10.38 3.91 -9.96
CA THR B 117 -10.26 2.96 -11.06
C THR B 117 -10.18 3.69 -12.40
N VAL B 118 -9.01 3.73 -13.01
CA VAL B 118 -8.88 4.34 -14.33
C VAL B 118 -9.05 3.26 -15.41
N SER B 119 -10.10 3.41 -16.22
CA SER B 119 -10.55 2.35 -17.11
C SER B 119 -11.59 2.87 -18.09
N SER B 120 -11.58 2.28 -19.29
CA SER B 120 -12.52 2.65 -20.34
C SER B 120 -13.85 1.93 -20.18
N ALA B 121 -13.83 0.78 -19.53
CA ALA B 121 -15.03 -0.02 -19.34
C ALA B 121 -16.10 0.79 -18.62
N SER B 122 -17.36 0.40 -18.84
CA SER B 122 -18.48 1.17 -18.32
C SER B 122 -18.91 0.69 -16.96
N THR B 123 -19.41 1.61 -16.14
CA THR B 123 -20.02 1.27 -14.89
C THR B 123 -21.05 0.17 -15.11
N LYS B 124 -21.21 -0.69 -14.11
CA LYS B 124 -22.26 -1.69 -14.11
C LYS B 124 -22.53 -2.18 -12.70
N GLY B 125 -23.73 -1.89 -12.19
CA GLY B 125 -24.13 -2.32 -10.87
C GLY B 125 -24.32 -3.83 -10.81
N PRO B 126 -24.23 -4.38 -9.59
CA PRO B 126 -24.36 -5.82 -9.32
C PRO B 126 -25.82 -6.25 -9.20
N SER B 127 -26.06 -7.54 -9.41
CA SER B 127 -27.35 -8.13 -9.08
C SER B 127 -27.17 -9.09 -7.91
N VAL B 128 -27.95 -8.88 -6.85
CA VAL B 128 -27.83 -9.65 -5.62
C VAL B 128 -28.78 -10.83 -5.55
N PHE B 129 -28.22 -12.03 -5.45
CA PHE B 129 -29.02 -13.22 -5.23
C PHE B 129 -28.86 -13.76 -3.81
N PRO B 130 -29.88 -14.46 -3.30
CA PRO B 130 -29.77 -14.98 -1.94
C PRO B 130 -29.16 -16.37 -1.97
N LEU B 131 -28.22 -16.65 -1.09
CA LEU B 131 -27.79 -18.03 -0.88
C LEU B 131 -28.59 -18.49 0.32
N ALA B 132 -29.63 -19.27 0.06
CA ALA B 132 -30.58 -19.60 1.11
C ALA B 132 -30.05 -20.71 2.00
N PRO B 133 -30.23 -20.52 3.31
CA PRO B 133 -29.90 -21.51 4.34
C PRO B 133 -30.60 -22.86 4.12
N SER B 134 -29.81 -23.93 4.02
CA SER B 134 -30.33 -25.29 3.92
C SER B 134 -30.90 -25.76 5.26
N SER B 135 -31.52 -26.93 5.27
CA SER B 135 -32.32 -27.37 6.41
C SER B 135 -31.66 -28.51 7.18
N LYS B 136 -31.36 -29.55 6.44
CA LYS B 136 -30.80 -30.79 6.97
C LYS B 136 -29.29 -30.71 6.83
N SER B 137 -28.88 -29.92 5.84
CA SER B 137 -27.47 -29.73 5.53
C SER B 137 -26.87 -28.52 6.26
N THR B 138 -26.96 -28.57 7.59
CA THR B 138 -26.48 -27.46 8.40
C THR B 138 -25.65 -27.95 9.61
N SER B 139 -24.81 -28.97 9.39
CA SER B 139 -23.90 -29.49 10.43
C SER B 139 -24.31 -28.94 11.80
N GLY B 140 -25.43 -29.43 12.30
CA GLY B 140 -26.11 -28.85 13.44
C GLY B 140 -25.19 -28.68 14.63
N GLY B 141 -25.35 -27.58 15.34
CA GLY B 141 -26.51 -26.70 15.12
C GLY B 141 -26.25 -25.33 14.53
N THR B 142 -25.35 -25.26 13.56
CA THR B 142 -24.97 -23.98 12.96
C THR B 142 -25.38 -23.84 11.48
N ALA B 143 -26.04 -22.74 11.15
CA ALA B 143 -26.59 -22.52 9.81
C ALA B 143 -25.77 -21.53 8.97
N ALA B 144 -25.67 -21.80 7.67
CA ALA B 144 -24.94 -20.93 6.75
C ALA B 144 -25.86 -20.29 5.69
N LEU B 145 -25.84 -18.97 5.61
CA LEU B 145 -26.58 -18.24 4.57
C LEU B 145 -25.76 -17.10 3.95
N GLY B 146 -26.16 -16.64 2.77
CA GLY B 146 -25.38 -15.62 2.09
C GLY B 146 -26.06 -14.77 1.02
N CYS B 147 -25.26 -13.91 0.40
CA CYS B 147 -25.67 -13.14 -0.76
C CYS B 147 -24.64 -13.32 -1.86
N LEU B 148 -25.11 -13.65 -3.05
CA LEU B 148 -24.25 -13.63 -4.23
C LEU B 148 -24.32 -12.22 -4.86
N VAL B 149 -23.20 -11.53 -4.89
CA VAL B 149 -23.14 -10.20 -5.47
C VAL B 149 -22.41 -10.29 -6.82
N LYS B 150 -23.19 -10.40 -7.90
CA LYS B 150 -22.66 -10.87 -9.18
C LYS B 150 -22.60 -9.83 -10.31
N ASP B 151 -21.60 -9.98 -11.19
CA ASP B 151 -21.44 -9.15 -12.39
C ASP B 151 -21.55 -7.64 -12.15
N TYR B 152 -20.47 -7.03 -11.65
CA TYR B 152 -20.46 -5.58 -11.44
C TYR B 152 -19.10 -4.99 -11.81
N PHE B 153 -19.04 -3.67 -11.93
CA PHE B 153 -17.81 -2.99 -12.29
C PHE B 153 -17.92 -1.51 -12.01
N PRO B 154 -16.86 -0.90 -11.47
CA PRO B 154 -15.65 -1.62 -11.09
C PRO B 154 -15.68 -1.91 -9.59
N GLU B 155 -14.58 -2.40 -9.04
CA GLU B 155 -14.47 -2.53 -7.61
C GLU B 155 -14.53 -1.12 -7.04
N PRO B 156 -15.02 -0.97 -5.81
CA PRO B 156 -15.49 -2.05 -4.94
C PRO B 156 -17.00 -2.03 -4.75
N VAL B 157 -17.54 -3.09 -4.14
CA VAL B 157 -18.88 -3.05 -3.53
C VAL B 157 -18.72 -3.22 -2.02
N THR B 158 -19.63 -2.66 -1.25
CA THR B 158 -19.62 -2.91 0.19
C THR B 158 -20.89 -3.64 0.64
N VAL B 159 -20.72 -4.82 1.23
CA VAL B 159 -21.84 -5.63 1.71
C VAL B 159 -21.98 -5.51 3.22
N SER B 160 -23.17 -5.15 3.70
CA SER B 160 -23.46 -5.17 5.14
C SER B 160 -24.39 -6.31 5.50
N TRP B 161 -24.64 -6.49 6.79
CA TRP B 161 -25.70 -7.42 7.21
C TRP B 161 -26.52 -6.81 8.34
N ASN B 162 -27.85 -6.82 8.17
CA ASN B 162 -28.72 -6.18 9.13
C ASN B 162 -28.33 -4.73 9.28
N SER B 163 -28.01 -4.12 8.14
CA SER B 163 -27.74 -2.70 8.10
C SER B 163 -26.77 -2.27 9.20
N GLY B 164 -25.82 -3.15 9.50
CA GLY B 164 -24.77 -2.82 10.47
C GLY B 164 -24.70 -3.75 11.68
N ALA B 165 -25.87 -4.16 12.17
CA ALA B 165 -25.97 -4.92 13.41
C ALA B 165 -25.24 -6.27 13.38
N LEU B 166 -25.36 -7.00 12.28
CA LEU B 166 -24.85 -8.37 12.21
C LEU B 166 -23.40 -8.44 11.71
N THR B 167 -22.45 -8.48 12.65
CA THR B 167 -21.03 -8.41 12.34
C THR B 167 -20.32 -9.76 12.46
N SER B 168 -20.61 -10.48 13.54
CA SER B 168 -19.96 -11.75 13.83
C SER B 168 -20.46 -12.84 12.90
N GLY B 169 -19.58 -13.78 12.57
CA GLY B 169 -19.92 -14.86 11.67
C GLY B 169 -19.81 -14.54 10.17
N VAL B 170 -19.55 -13.28 9.85
CA VAL B 170 -19.58 -12.78 8.47
C VAL B 170 -18.26 -12.93 7.70
N HIS B 171 -18.30 -13.61 6.57
CA HIS B 171 -17.18 -13.60 5.63
C HIS B 171 -17.60 -13.02 4.27
N THR B 172 -17.21 -11.77 3.99
CA THR B 172 -17.37 -11.22 2.65
C THR B 172 -16.12 -11.50 1.82
N PHE B 173 -16.22 -12.44 0.88
CA PHE B 173 -15.04 -12.89 0.15
C PHE B 173 -14.41 -11.82 -0.75
N PRO B 174 -13.08 -11.91 -0.95
CA PRO B 174 -12.42 -11.02 -1.92
C PRO B 174 -13.13 -11.14 -3.26
N ALA B 175 -13.39 -10.02 -3.92
CA ALA B 175 -14.02 -10.06 -5.23
C ALA B 175 -13.14 -10.81 -6.22
N VAL B 176 -13.78 -11.45 -7.19
CA VAL B 176 -13.06 -12.15 -8.24
C VAL B 176 -13.47 -11.67 -9.62
N LEU B 177 -12.48 -11.48 -10.47
CA LEU B 177 -12.70 -11.02 -11.83
C LEU B 177 -13.00 -12.20 -12.74
N GLN B 178 -14.21 -12.18 -13.30
CA GLN B 178 -14.63 -13.23 -14.20
C GLN B 178 -14.12 -12.90 -15.59
N SER B 179 -14.09 -13.90 -16.47
CA SER B 179 -13.62 -13.68 -17.84
C SER B 179 -14.51 -12.68 -18.58
N SER B 180 -15.74 -12.51 -18.09
CA SER B 180 -16.66 -11.55 -18.68
C SER B 180 -16.18 -10.13 -18.43
N GLY B 181 -15.14 -9.98 -17.60
CA GLY B 181 -14.60 -8.69 -17.26
C GLY B 181 -15.27 -8.02 -16.07
N LEU B 182 -16.22 -8.71 -15.45
CA LEU B 182 -16.91 -8.19 -14.27
C LEU B 182 -16.57 -8.93 -12.98
N TYR B 183 -16.96 -8.32 -11.86
CA TYR B 183 -16.59 -8.82 -10.54
C TYR B 183 -17.73 -9.55 -9.86
N SER B 184 -17.45 -10.77 -9.41
CA SER B 184 -18.40 -11.51 -8.61
C SER B 184 -17.85 -11.63 -7.20
N LEU B 185 -18.71 -11.84 -6.22
CA LEU B 185 -18.24 -12.11 -4.87
C LEU B 185 -19.40 -12.60 -4.03
N SER B 186 -19.10 -13.35 -2.99
CA SER B 186 -20.13 -13.79 -2.06
C SER B 186 -19.87 -13.25 -0.67
N SER B 187 -20.94 -12.95 0.05
CA SER B 187 -20.82 -12.66 1.47
C SER B 187 -21.65 -13.67 2.22
N VAL B 188 -20.99 -14.48 3.03
CA VAL B 188 -21.68 -15.48 3.84
C VAL B 188 -21.66 -15.08 5.31
N VAL B 189 -22.62 -15.62 6.05
CA VAL B 189 -22.60 -15.55 7.50
C VAL B 189 -23.09 -16.87 8.03
N THR B 190 -22.61 -17.23 9.21
CA THR B 190 -23.03 -18.46 9.84
C THR B 190 -23.73 -18.07 11.14
N VAL B 191 -24.88 -18.71 11.39
CA VAL B 191 -25.75 -18.33 12.50
C VAL B 191 -26.35 -19.57 13.18
N PRO B 192 -27.01 -19.36 14.34
CA PRO B 192 -27.75 -20.46 14.95
C PRO B 192 -28.97 -20.83 14.10
N SER B 193 -29.18 -22.12 13.87
CA SER B 193 -30.42 -22.58 13.27
C SER B 193 -31.61 -22.10 14.09
N SER B 194 -31.44 -22.20 15.41
CA SER B 194 -32.38 -21.72 16.40
C SER B 194 -33.00 -20.35 16.01
N SER B 195 -32.13 -19.41 15.65
CA SER B 195 -32.55 -18.03 15.39
C SER B 195 -33.10 -17.84 13.99
N LEU B 196 -33.01 -18.90 13.18
CA LEU B 196 -33.50 -18.85 11.80
C LEU B 196 -34.96 -18.39 11.75
N GLY B 197 -35.80 -18.96 12.62
CA GLY B 197 -37.22 -18.62 12.65
C GLY B 197 -37.55 -17.25 13.21
N THR B 198 -36.72 -16.76 14.13
CA THR B 198 -37.00 -15.53 14.87
C THR B 198 -36.21 -14.29 14.43
N GLN B 199 -35.09 -14.50 13.76
CA GLN B 199 -34.21 -13.39 13.36
C GLN B 199 -34.33 -13.05 11.88
N THR B 200 -34.19 -11.78 11.55
CA THR B 200 -34.28 -11.35 10.16
C THR B 200 -32.91 -11.04 9.58
N TYR B 201 -32.55 -11.75 8.52
CA TYR B 201 -31.22 -11.59 7.92
C TYR B 201 -31.26 -10.94 6.54
N ILE B 202 -30.75 -9.71 6.50
CA ILE B 202 -30.69 -8.92 5.28
C ILE B 202 -29.26 -8.51 4.93
N CYS B 203 -28.86 -8.72 3.68
CA CYS B 203 -27.59 -8.16 3.23
C CYS B 203 -27.81 -6.82 2.56
N ASN B 204 -26.97 -5.85 2.89
CA ASN B 204 -27.07 -4.52 2.32
C ASN B 204 -25.92 -4.24 1.37
N VAL B 205 -26.08 -4.65 0.12
CA VAL B 205 -25.08 -4.41 -0.91
C VAL B 205 -25.13 -2.99 -1.45
N ASN B 206 -23.97 -2.37 -1.59
CA ASN B 206 -23.86 -1.02 -2.10
C ASN B 206 -22.70 -0.89 -3.11
N HIS B 207 -22.98 -0.25 -4.24
CA HIS B 207 -22.00 -0.11 -5.31
C HIS B 207 -22.08 1.29 -5.87
N LYS B 208 -21.35 2.20 -5.22
CA LYS B 208 -21.43 3.63 -5.48
C LYS B 208 -21.20 4.00 -6.96
N PRO B 209 -20.19 3.40 -7.59
CA PRO B 209 -19.93 3.67 -9.02
C PRO B 209 -21.15 3.53 -9.93
N SER B 210 -22.26 2.99 -9.44
CA SER B 210 -23.46 2.85 -10.27
C SER B 210 -24.73 3.22 -9.50
N ASN B 211 -24.56 3.81 -8.32
CA ASN B 211 -25.67 4.14 -7.44
C ASN B 211 -26.63 2.97 -7.18
N THR B 212 -26.10 1.76 -7.24
CA THR B 212 -26.86 0.55 -6.95
C THR B 212 -26.86 0.31 -5.45
N LYS B 213 -28.01 -0.07 -4.92
CA LYS B 213 -28.15 -0.27 -3.49
C LYS B 213 -29.26 -1.27 -3.23
N VAL B 214 -28.87 -2.55 -3.14
CA VAL B 214 -29.84 -3.63 -3.00
C VAL B 214 -29.90 -4.10 -1.55
N ASP B 215 -31.03 -4.69 -1.17
CA ASP B 215 -31.22 -5.18 0.20
C ASP B 215 -31.88 -6.55 0.25
N LYS B 216 -31.20 -7.56 -0.29
CA LYS B 216 -31.76 -8.90 -0.33
C LYS B 216 -32.01 -9.46 1.08
N LYS B 217 -33.28 -9.77 1.35
CA LYS B 217 -33.66 -10.48 2.56
C LYS B 217 -33.39 -11.94 2.28
N VAL B 218 -32.62 -12.60 3.14
CA VAL B 218 -32.29 -14.00 2.90
C VAL B 218 -33.01 -14.86 3.91
N GLU B 219 -33.65 -15.92 3.42
CA GLU B 219 -34.50 -16.78 4.23
C GLU B 219 -34.65 -18.12 3.51
N PRO B 220 -35.08 -19.15 4.25
CA PRO B 220 -35.27 -20.48 3.64
C PRO B 220 -36.48 -20.52 2.71
N ASP C 10 44.37 27.08 -21.38
CA ASP C 10 43.18 27.14 -20.55
C ASP C 10 42.71 25.75 -20.18
N LYS C 11 42.72 25.50 -18.87
CA LYS C 11 42.45 24.18 -18.29
C LYS C 11 40.96 23.83 -18.17
N PRO C 12 40.63 22.53 -18.28
CA PRO C 12 39.28 21.99 -18.08
C PRO C 12 38.70 22.48 -16.75
N VAL C 13 37.57 23.16 -16.81
CA VAL C 13 37.01 23.81 -15.64
C VAL C 13 35.48 23.82 -15.62
N ALA C 14 34.93 23.53 -14.46
CA ALA C 14 33.49 23.63 -14.26
C ALA C 14 33.16 24.24 -12.91
N HIS C 15 32.10 25.01 -12.88
CA HIS C 15 31.50 25.44 -11.63
C HIS C 15 30.03 25.64 -11.93
N VAL C 16 29.24 24.59 -11.74
CA VAL C 16 27.81 24.65 -11.99
C VAL C 16 27.00 24.88 -10.71
N VAL C 17 25.75 25.30 -10.87
CA VAL C 17 24.92 25.63 -9.74
C VAL C 17 23.61 24.88 -9.78
N ALA C 18 22.82 25.02 -8.73
CA ALA C 18 21.54 24.34 -8.64
C ALA C 18 20.51 25.06 -9.50
N ASN C 19 19.59 24.28 -10.05
CA ASN C 19 18.47 24.84 -10.78
C ASN C 19 17.39 25.39 -9.82
N PRO C 20 17.27 26.73 -9.72
CA PRO C 20 16.30 27.37 -8.84
C PRO C 20 14.86 26.97 -9.19
N GLN C 21 14.59 26.87 -10.49
CA GLN C 21 13.28 26.50 -10.96
C GLN C 21 13.11 24.99 -11.02
N ALA C 22 13.93 24.28 -10.24
CA ALA C 22 13.79 22.82 -10.10
C ALA C 22 12.81 22.44 -8.98
N GLU C 23 12.70 21.14 -8.70
CA GLU C 23 11.50 20.59 -8.07
C GLU C 23 11.77 19.55 -7.01
N GLY C 24 12.12 19.98 -5.79
CA GLY C 24 12.55 19.02 -4.78
C GLY C 24 13.63 18.19 -5.43
N GLN C 25 14.53 18.89 -6.11
CA GLN C 25 15.48 18.26 -7.02
C GLN C 25 16.80 19.01 -7.01
N LEU C 26 17.89 18.26 -7.06
CA LEU C 26 19.20 18.85 -7.23
C LEU C 26 19.63 18.68 -8.69
N GLN C 27 19.42 19.72 -9.48
CA GLN C 27 19.72 19.68 -10.90
C GLN C 27 20.76 20.75 -11.26
N TRP C 28 21.90 20.30 -11.77
CA TRP C 28 23.02 21.20 -12.05
C TRP C 28 22.84 22.03 -13.31
N LEU C 29 23.01 23.33 -13.18
CA LEU C 29 22.84 24.24 -14.30
C LEU C 29 24.16 24.83 -14.73
N ASN C 30 24.42 24.70 -16.02
CA ASN C 30 25.72 24.97 -16.62
C ASN C 30 25.91 26.41 -17.03
N ARG C 31 24.79 27.09 -17.22
CA ARG C 31 24.81 28.37 -17.91
C ARG C 31 24.06 29.43 -17.13
N ARG C 32 24.81 30.13 -16.29
CA ARG C 32 24.28 31.27 -15.58
C ARG C 32 25.34 32.36 -15.69
N ALA C 33 25.30 33.30 -14.76
CA ALA C 33 26.20 34.45 -14.78
C ALA C 33 27.60 34.11 -14.23
N ASN C 34 27.67 33.52 -13.05
CA ASN C 34 28.98 33.27 -12.46
C ASN C 34 29.37 31.78 -12.41
N ALA C 35 29.06 31.04 -13.46
CA ALA C 35 29.46 29.64 -13.53
C ALA C 35 30.39 29.37 -14.71
N LEU C 36 30.81 28.12 -14.83
CA LEU C 36 31.78 27.72 -15.83
C LEU C 36 31.50 26.33 -16.37
N LEU C 37 31.60 26.20 -17.68
CA LEU C 37 31.60 24.90 -18.33
C LEU C 37 32.40 25.06 -19.61
N ALA C 38 33.71 24.78 -19.52
CA ALA C 38 34.61 25.00 -20.65
C ALA C 38 35.83 24.09 -20.69
N ASN C 39 36.54 24.15 -21.81
CA ASN C 39 37.78 23.40 -22.00
C ASN C 39 37.63 21.87 -22.00
N GLY C 40 36.43 21.39 -22.28
CA GLY C 40 36.22 19.97 -22.51
C GLY C 40 35.35 19.27 -21.50
N VAL C 41 35.11 19.95 -20.39
CA VAL C 41 34.22 19.40 -19.38
C VAL C 41 32.80 19.57 -19.87
N GLU C 42 32.04 18.48 -19.77
CA GLU C 42 30.64 18.50 -20.16
C GLU C 42 29.74 18.16 -18.97
N LEU C 43 28.53 18.72 -18.99
CA LEU C 43 27.52 18.35 -18.03
C LEU C 43 26.63 17.31 -18.71
N ARG C 44 26.45 16.17 -18.08
CA ARG C 44 25.82 15.05 -18.77
C ARG C 44 25.10 14.17 -17.77
N ASP C 45 23.77 14.23 -17.80
CA ASP C 45 22.95 13.51 -16.83
C ASP C 45 23.24 13.94 -15.40
N ASN C 46 23.38 15.25 -15.19
CA ASN C 46 23.66 15.78 -13.87
C ASN C 46 25.03 15.35 -13.37
N GLN C 47 25.90 14.92 -14.29
CA GLN C 47 27.25 14.51 -13.96
C GLN C 47 28.28 15.30 -14.75
N LEU C 48 29.35 15.70 -14.09
CA LEU C 48 30.44 16.36 -14.79
C LEU C 48 31.34 15.30 -15.43
N VAL C 49 31.60 15.46 -16.71
CA VAL C 49 32.39 14.50 -17.46
C VAL C 49 33.76 15.08 -17.76
N VAL C 50 34.80 14.39 -17.30
CA VAL C 50 36.16 14.91 -17.46
C VAL C 50 36.71 14.60 -18.85
N PRO C 51 37.27 15.63 -19.51
CA PRO C 51 37.79 15.47 -20.86
C PRO C 51 39.10 14.70 -20.85
N SER C 52 40.13 15.24 -20.23
CA SER C 52 41.41 14.55 -20.21
C SER C 52 41.76 14.02 -18.82
N GLU C 53 42.83 13.24 -18.78
CA GLU C 53 43.36 12.70 -17.54
C GLU C 53 44.19 13.75 -16.82
N GLY C 54 44.32 13.61 -15.51
CA GLY C 54 45.17 14.50 -14.74
C GLY C 54 44.68 14.77 -13.33
N LEU C 55 45.33 15.73 -12.67
CA LEU C 55 44.92 16.13 -11.32
C LEU C 55 43.83 17.18 -11.36
N TYR C 56 42.73 16.88 -10.68
CA TYR C 56 41.65 17.85 -10.51
C TYR C 56 41.40 18.20 -9.04
N LEU C 57 41.14 19.48 -8.78
CA LEU C 57 40.51 19.87 -7.56
C LEU C 57 39.02 19.65 -7.77
N ILE C 58 38.36 19.07 -6.78
CA ILE C 58 36.94 18.79 -6.89
C ILE C 58 36.23 19.27 -5.63
N TYR C 59 35.15 20.03 -5.79
CA TYR C 59 34.54 20.64 -4.62
C TYR C 59 33.04 20.85 -4.80
N SER C 60 32.36 21.03 -3.69
CA SER C 60 30.92 21.23 -3.72
C SER C 60 30.36 21.73 -2.41
N GLN C 61 29.33 22.56 -2.51
CA GLN C 61 28.57 22.93 -1.35
C GLN C 61 27.06 22.82 -1.58
N VAL C 62 26.40 22.23 -0.60
CA VAL C 62 24.96 22.24 -0.55
C VAL C 62 24.52 22.98 0.70
N LEU C 63 23.44 23.73 0.61
CA LEU C 63 22.84 24.35 1.78
C LEU C 63 21.44 23.79 1.96
N PHE C 64 21.20 23.25 3.14
CA PHE C 64 19.90 22.69 3.47
C PHE C 64 19.17 23.69 4.35
N LYS C 65 17.92 23.97 3.99
CA LYS C 65 17.02 24.64 4.91
C LYS C 65 15.88 23.68 5.25
N GLY C 66 15.90 23.14 6.47
CA GLY C 66 14.88 22.21 6.87
C GLY C 66 13.84 22.89 7.72
N GLN C 67 12.87 22.12 8.16
CA GLN C 67 11.89 22.63 9.10
C GLN C 67 11.38 21.52 9.98
N GLY C 68 11.43 21.76 11.28
CA GLY C 68 10.99 20.78 12.25
C GLY C 68 12.04 19.72 12.46
N CYS C 69 11.98 19.11 13.64
CA CYS C 69 12.92 18.08 14.07
C CYS C 69 12.17 16.89 14.63
N PRO C 70 11.72 15.99 13.74
CA PRO C 70 10.93 14.82 14.16
C PRO C 70 11.77 13.98 15.11
N SER C 71 13.08 14.05 14.94
CA SER C 71 14.00 13.23 15.69
C SER C 71 15.44 13.74 15.60
N THR C 72 16.22 13.33 16.57
CA THR C 72 17.64 13.56 16.62
C THR C 72 18.33 12.81 15.48
N HIS C 73 17.61 11.86 14.91
CA HIS C 73 18.17 10.94 13.93
C HIS C 73 18.11 11.49 12.51
N VAL C 74 17.54 12.68 12.35
CA VAL C 74 17.46 13.26 11.03
C VAL C 74 18.88 13.45 10.50
N LEU C 75 19.15 12.95 9.30
CA LEU C 75 20.49 13.08 8.72
C LEU C 75 20.43 13.80 7.40
N LEU C 76 21.44 14.62 7.16
CA LEU C 76 21.70 15.20 5.87
C LEU C 76 22.99 14.59 5.35
N THR C 77 23.00 14.21 4.08
CA THR C 77 24.24 13.71 3.52
C THR C 77 24.61 14.46 2.26
N HIS C 78 25.90 14.52 2.01
CA HIS C 78 26.43 15.11 0.79
C HIS C 78 27.63 14.27 0.37
N THR C 79 27.68 13.93 -0.91
CA THR C 79 28.70 13.02 -1.36
C THR C 79 29.06 13.25 -2.82
N ILE C 80 30.36 13.29 -3.11
CA ILE C 80 30.84 13.34 -4.48
C ILE C 80 31.35 11.96 -4.89
N SER C 81 30.86 11.44 -6.02
CA SER C 81 31.27 10.10 -6.46
C SER C 81 31.81 10.05 -7.88
N ARG C 82 32.69 9.09 -8.10
CA ARG C 82 33.37 8.87 -9.37
C ARG C 82 32.85 7.61 -10.06
N ILE C 83 32.66 7.69 -11.38
CA ILE C 83 32.35 6.50 -12.17
C ILE C 83 33.31 6.39 -13.32
N ALA C 84 34.30 5.51 -13.17
CA ALA C 84 35.33 5.35 -14.18
C ALA C 84 34.75 4.67 -15.42
N VAL C 85 35.20 5.12 -16.58
CA VAL C 85 34.75 4.58 -17.84
C VAL C 85 34.88 3.06 -17.89
N SER C 86 36.02 2.56 -17.40
CA SER C 86 36.32 1.13 -17.38
C SER C 86 35.46 0.36 -16.38
N TYR C 87 35.87 0.37 -15.11
CA TYR C 87 35.09 -0.24 -14.04
C TYR C 87 33.60 0.00 -14.30
N GLN C 88 33.20 1.26 -14.33
CA GLN C 88 31.80 1.66 -14.58
C GLN C 88 30.96 1.65 -13.28
N THR C 89 31.61 1.36 -12.15
CA THR C 89 30.96 1.36 -10.84
C THR C 89 31.16 2.66 -10.03
N LYS C 90 30.21 2.97 -9.14
CA LYS C 90 30.18 4.23 -8.40
C LYS C 90 31.02 4.18 -7.12
N VAL C 91 31.96 5.09 -6.98
CA VAL C 91 32.83 5.13 -5.80
C VAL C 91 32.80 6.51 -5.13
N ASN C 92 32.71 6.51 -3.81
CA ASN C 92 32.66 7.78 -3.10
C ASN C 92 34.03 8.40 -2.93
N LEU C 93 34.23 9.57 -3.51
CA LEU C 93 35.46 10.32 -3.26
C LEU C 93 35.39 11.20 -2.00
N LEU C 94 34.28 11.91 -1.86
CA LEU C 94 34.11 12.86 -0.78
C LEU C 94 32.70 12.70 -0.21
N SER C 95 32.56 12.81 1.11
CA SER C 95 31.31 12.42 1.76
C SER C 95 31.25 12.91 3.18
N ALA C 96 30.13 13.54 3.54
CA ALA C 96 29.94 14.03 4.91
C ALA C 96 28.51 13.84 5.31
N ILE C 97 28.28 13.76 6.62
CA ILE C 97 26.95 13.53 7.13
C ILE C 97 26.77 14.55 8.22
N LYS C 98 25.57 15.12 8.31
CA LYS C 98 25.28 16.03 9.40
C LYS C 98 23.94 15.71 10.07
N SER C 99 23.94 15.75 11.40
CA SER C 99 22.70 15.68 12.15
C SER C 99 22.30 17.06 12.66
N PRO C 100 21.32 17.68 12.00
CA PRO C 100 20.86 19.05 12.24
C PRO C 100 19.95 19.20 13.45
N CYS C 101 19.53 18.07 14.02
CA CYS C 101 18.68 18.08 15.22
C CYS C 101 19.37 17.22 16.27
N GLN C 102 19.47 17.60 17.56
CA GLN C 102 19.08 18.85 18.21
C GLN C 102 18.14 18.49 19.35
N ARG C 103 16.88 18.89 19.20
CA ARG C 103 15.84 18.42 20.10
C ARG C 103 14.76 17.84 19.23
N GLU C 104 13.56 17.69 19.78
CA GLU C 104 12.49 17.10 19.01
C GLU C 104 11.27 17.95 19.18
N THR C 105 10.83 18.59 18.10
CA THR C 105 9.70 19.49 18.23
C THR C 105 8.51 18.74 18.85
N PRO C 106 8.07 19.19 20.04
CA PRO C 106 7.21 18.57 21.06
C PRO C 106 5.78 18.13 20.66
N GLU C 107 5.25 18.61 19.54
CA GLU C 107 3.85 18.35 19.15
C GLU C 107 2.89 19.35 19.80
N GLY C 108 1.96 19.84 18.99
CA GLY C 108 1.20 21.01 19.37
C GLY C 108 2.15 22.15 19.08
N ALA C 109 3.44 21.84 19.17
CA ALA C 109 4.49 22.76 18.76
C ALA C 109 4.54 22.78 17.24
N GLU C 110 4.71 23.96 16.67
CA GLU C 110 4.85 24.07 15.23
C GLU C 110 6.33 24.01 14.89
N ALA C 111 6.66 23.52 13.70
CA ALA C 111 8.05 23.31 13.30
C ALA C 111 8.77 24.62 13.00
N LYS C 112 10.05 24.72 13.37
CA LYS C 112 10.85 25.92 13.12
C LYS C 112 11.91 25.66 12.04
N PRO C 113 12.24 26.67 11.22
CA PRO C 113 13.24 26.41 10.18
C PRO C 113 14.65 26.29 10.74
N TRP C 114 15.50 25.56 10.02
CA TRP C 114 16.95 25.53 10.32
C TRP C 114 17.84 25.48 9.07
N TYR C 115 19.06 25.98 9.22
CA TYR C 115 20.01 26.01 8.12
C TYR C 115 21.26 25.20 8.42
N GLU C 116 21.65 24.35 7.47
CA GLU C 116 22.89 23.59 7.56
C GLU C 116 23.59 23.58 6.22
N PRO C 117 24.83 24.09 6.17
CA PRO C 117 25.63 23.99 4.96
C PRO C 117 26.61 22.82 5.04
N ILE C 118 26.94 22.25 3.90
CA ILE C 118 27.99 21.24 3.84
C ILE C 118 28.96 21.55 2.72
N TYR C 119 30.24 21.41 3.00
CA TYR C 119 31.23 21.66 1.99
C TYR C 119 32.14 20.46 1.81
N LEU C 120 32.39 20.10 0.55
CA LEU C 120 33.27 19.00 0.23
C LEU C 120 34.29 19.52 -0.77
N GLY C 121 35.49 18.94 -0.77
CA GLY C 121 36.52 19.38 -1.70
C GLY C 121 37.86 18.72 -1.48
N GLY C 122 38.54 18.39 -2.59
CA GLY C 122 39.78 17.63 -2.53
C GLY C 122 40.39 17.49 -3.92
N VAL C 123 41.60 16.95 -3.99
CA VAL C 123 42.22 16.74 -5.30
C VAL C 123 42.41 15.25 -5.65
N PHE C 124 42.13 14.92 -6.89
CA PHE C 124 42.09 13.52 -7.27
C PHE C 124 42.64 13.35 -8.66
N GLN C 125 43.25 12.19 -8.88
CA GLN C 125 43.64 11.75 -10.21
C GLN C 125 42.42 11.19 -10.93
N LEU C 126 42.03 11.83 -12.03
CA LEU C 126 40.87 11.38 -12.82
C LEU C 126 41.24 10.90 -14.21
N GLU C 127 40.39 10.05 -14.77
CA GLU C 127 40.63 9.49 -16.09
C GLU C 127 39.69 10.07 -17.12
N LYS C 128 40.17 10.24 -18.35
CA LYS C 128 39.33 10.69 -19.45
C LYS C 128 38.04 9.89 -19.51
N GLY C 129 36.92 10.59 -19.54
CA GLY C 129 35.62 9.95 -19.59
C GLY C 129 35.08 9.56 -18.23
N ASP C 130 35.77 9.94 -17.17
CA ASP C 130 35.20 9.73 -15.86
C ASP C 130 33.99 10.63 -15.64
N ARG C 131 33.02 10.10 -14.94
CA ARG C 131 31.87 10.88 -14.55
C ARG C 131 31.97 11.23 -13.07
N LEU C 132 31.42 12.37 -12.70
CA LEU C 132 31.42 12.83 -11.31
C LEU C 132 30.04 13.35 -10.98
N SER C 133 29.55 13.03 -9.80
CA SER C 133 28.24 13.49 -9.39
C SER C 133 28.32 14.01 -7.96
N ALA C 134 27.62 15.11 -7.70
CA ALA C 134 27.45 15.60 -6.34
C ALA C 134 26.01 15.35 -5.96
N GLU C 135 25.80 14.45 -5.00
CA GLU C 135 24.45 14.04 -4.64
C GLU C 135 24.15 14.27 -3.17
N ILE C 136 22.91 14.65 -2.89
CA ILE C 136 22.43 14.77 -1.53
C ILE C 136 21.34 13.73 -1.24
N ASN C 137 21.07 13.46 0.03
CA ASN C 137 19.95 12.61 0.37
C ASN C 137 18.58 13.34 0.43
N ARG C 138 18.57 14.64 0.76
CA ARG C 138 17.30 15.39 0.90
C ARG C 138 17.07 16.62 -0.01
N PRO C 139 16.91 16.41 -1.32
CA PRO C 139 16.67 17.54 -2.22
C PRO C 139 15.44 18.38 -1.85
N ASP C 140 14.56 17.82 -1.02
CA ASP C 140 13.35 18.53 -0.60
C ASP C 140 13.72 19.62 0.38
N TYR C 141 14.96 19.63 0.83
CA TYR C 141 15.39 20.60 1.83
C TYR C 141 16.42 21.53 1.23
N LEU C 142 16.69 21.35 -0.06
CA LEU C 142 17.60 22.20 -0.81
C LEU C 142 17.16 23.66 -0.80
N ASP C 143 18.06 24.54 -0.36
CA ASP C 143 17.81 25.97 -0.40
C ASP C 143 18.65 26.66 -1.48
N PHE C 144 17.99 27.15 -2.52
CA PHE C 144 18.66 28.00 -3.51
C PHE C 144 17.84 29.26 -3.80
N ALA C 145 17.16 29.76 -2.77
CA ALA C 145 16.37 30.98 -2.87
C ALA C 145 17.27 32.19 -3.11
N GLU C 146 18.56 32.01 -2.90
CA GLU C 146 19.54 33.02 -3.23
C GLU C 146 20.73 32.33 -3.88
N SER C 147 21.52 33.07 -4.64
CA SER C 147 22.63 32.48 -5.39
C SER C 147 23.86 32.28 -4.51
N GLY C 148 24.74 31.37 -4.93
CA GLY C 148 25.96 31.09 -4.21
C GLY C 148 25.80 30.02 -3.12
N GLN C 149 24.60 29.47 -3.01
CA GLN C 149 24.26 28.57 -1.93
C GLN C 149 24.45 27.09 -2.28
N VAL C 150 24.37 26.75 -3.56
CA VAL C 150 24.51 25.37 -4.00
C VAL C 150 25.32 25.30 -5.27
N TYR C 151 26.36 24.46 -5.27
CA TYR C 151 27.29 24.48 -6.40
C TYR C 151 28.24 23.31 -6.40
N PHE C 152 28.69 22.99 -7.61
CA PHE C 152 29.51 21.83 -7.92
C PHE C 152 30.63 22.27 -8.89
N GLY C 153 31.87 21.91 -8.60
CA GLY C 153 32.98 22.35 -9.44
C GLY C 153 34.23 21.48 -9.53
N ILE C 154 34.97 21.65 -10.62
CA ILE C 154 36.27 21.01 -10.82
C ILE C 154 37.17 21.88 -11.71
N ILE C 155 38.47 21.95 -11.40
CA ILE C 155 39.48 22.48 -12.34
C ILE C 155 40.65 21.53 -12.46
N ALA C 156 41.21 21.46 -13.67
CA ALA C 156 42.40 20.68 -13.87
C ALA C 156 43.56 21.55 -13.45
N LEU C 157 44.54 20.95 -12.79
CA LEU C 157 45.75 21.64 -12.40
C LEU C 157 46.89 21.03 -13.18
#